data_8QRU
#
_entry.id   8QRU
#
_cell.length_a   1.00
_cell.length_b   1.00
_cell.length_c   1.00
_cell.angle_alpha   90.00
_cell.angle_beta   90.00
_cell.angle_gamma   90.00
#
_symmetry.space_group_name_H-M   'P 1'
#
loop_
_entity.id
_entity.type
_entity.pdbx_description
1 polymer 'Neutral amino acid transporter B(0)'
2 non-polymer GLUTAMINE
#
_entity_poly.entity_id   1
_entity_poly.type   'polypeptide(L)'
_entity_poly.pdbx_seq_one_letter_code
;MVADPPRDSKGLAAAEPTANGGLALASIEDQGAAAGGYCGSRDQVRRCLRANLLVLLTVVAVVAGVALGLGVSGAGGALA
LGPERLSAFVFPGELLLRLLRMIILPLVVCSLIGGAASLDPGALGRLGAWALLFFLVTTLLASALGVGLALALQPGAASA
AINASVGAAGSAENAPSKEVLDSFLDLARNIFPSNLVSAAFRSYSTTYEERNITGTRVKVPVGQEVEGMNILGLVVFAIV
FGVALRKLGPEGELLIRFFNSFNEATMVLVSWIMWYAPVGIMFLVAGKIVEMEDVGLLFARLGKYILCCLLGHAIHGLLV
LPLIYFLFTRKNPYRFLWGIVTPLATAFGTSSSSATLPLMMKCVEENNGVAKHISRFILPIGATVNMDGAALFQCVAAVF
IAQLSQQSLDFVKIITILVTATASSVGAAGIPAGGVLTLAIILEAVNLPVDHISLILAVDWLVDRSCTVLNVEGDALGAG
LLQNYVDRTESRSTEPELIQVKSELPLDPLPVPTEEGNPLLKHYRGPAGDATVASEKESVMHHHHHH
;
_entity_poly.pdbx_strand_id   B
#
# COMPACT_ATOMS: atom_id res chain seq x y z
N LEU A 49 1.44 -11.47 -25.50
CA LEU A 49 1.51 -12.21 -24.24
C LEU A 49 0.37 -11.78 -23.33
N ARG A 50 -0.20 -12.75 -22.61
CA ARG A 50 -1.38 -12.47 -21.79
C ARG A 50 -1.05 -11.53 -20.63
N ALA A 51 0.20 -11.52 -20.18
CA ALA A 51 0.60 -10.52 -19.18
C ALA A 51 0.55 -9.11 -19.77
N ASN A 52 1.13 -8.94 -20.97
CA ASN A 52 1.02 -7.66 -21.65
C ASN A 52 -0.43 -7.34 -21.98
N LEU A 53 -1.24 -8.36 -22.30
CA LEU A 53 -2.66 -8.12 -22.51
C LEU A 53 -3.33 -7.60 -21.25
N LEU A 54 -2.98 -8.16 -20.09
CA LEU A 54 -3.53 -7.67 -18.84
C LEU A 54 -3.14 -6.23 -18.59
N VAL A 55 -1.87 -5.90 -18.80
CA VAL A 55 -1.41 -4.52 -18.60
C VAL A 55 -2.18 -3.58 -19.53
N LEU A 56 -2.26 -3.93 -20.81
CA LEU A 56 -2.94 -3.08 -21.78
C LEU A 56 -4.41 -2.91 -21.41
N LEU A 57 -5.07 -4.01 -21.04
CA LEU A 57 -6.49 -3.95 -20.71
C LEU A 57 -6.73 -3.10 -19.46
N THR A 58 -5.84 -3.19 -18.47
CA THR A 58 -6.04 -2.42 -17.25
C THR A 58 -5.79 -0.93 -17.47
N VAL A 59 -4.75 -0.58 -18.21
CA VAL A 59 -4.51 0.83 -18.51
C VAL A 59 -5.66 1.39 -19.36
N VAL A 60 -6.09 0.63 -20.37
CA VAL A 60 -7.22 1.06 -21.19
C VAL A 60 -8.47 1.15 -20.34
N ALA A 61 -8.59 0.30 -19.32
CA ALA A 61 -9.74 0.37 -18.42
C ALA A 61 -9.72 1.65 -17.61
N VAL A 62 -8.55 2.06 -17.12
CA VAL A 62 -8.47 3.34 -16.40
C VAL A 62 -8.86 4.48 -17.34
N VAL A 63 -8.32 4.48 -18.56
CA VAL A 63 -8.63 5.56 -19.50
C VAL A 63 -10.12 5.57 -19.84
N ALA A 64 -10.68 4.40 -20.10
CA ALA A 64 -12.10 4.31 -20.46
C ALA A 64 -12.99 4.64 -19.27
N GLY A 65 -12.54 4.36 -18.06
CA GLY A 65 -13.29 4.79 -16.89
C GLY A 65 -13.32 6.29 -16.76
N VAL A 66 -12.18 6.95 -17.01
CA VAL A 66 -12.17 8.40 -17.03
C VAL A 66 -13.12 8.93 -18.09
N ALA A 67 -13.05 8.36 -19.30
CA ALA A 67 -13.92 8.81 -20.38
C ALA A 67 -15.39 8.60 -20.04
N LEU A 68 -15.73 7.44 -19.49
CA LEU A 68 -17.11 7.14 -19.13
C LEU A 68 -17.62 8.06 -18.04
N GLY A 69 -16.78 8.33 -17.03
CA GLY A 69 -17.19 9.27 -16.00
C GLY A 69 -17.43 10.66 -16.55
N LEU A 70 -16.54 11.12 -17.44
CA LEU A 70 -16.75 12.43 -18.06
C LEU A 70 -18.04 12.45 -18.87
N GLY A 71 -18.30 11.38 -19.63
CA GLY A 71 -19.52 11.33 -20.42
C GLY A 71 -20.77 11.33 -19.56
N VAL A 72 -20.75 10.54 -18.48
CA VAL A 72 -21.91 10.49 -17.59
C VAL A 72 -22.14 11.83 -16.92
N SER A 73 -21.07 12.49 -16.49
CA SER A 73 -21.21 13.83 -15.92
C SER A 73 -21.76 14.80 -16.94
N GLY A 74 -21.32 14.71 -18.20
CA GLY A 74 -21.88 15.57 -19.23
C GLY A 74 -23.37 15.36 -19.44
N ALA A 75 -23.86 14.15 -19.14
CA ALA A 75 -25.28 13.86 -19.26
C ALA A 75 -26.05 14.19 -17.98
N GLY A 76 -25.38 14.72 -16.95
CA GLY A 76 -26.01 15.06 -15.70
C GLY A 76 -25.39 14.41 -14.48
N GLY A 77 -24.65 13.31 -14.65
CA GLY A 77 -23.99 12.69 -13.53
C GLY A 77 -24.97 12.10 -12.53
N ALA A 78 -24.59 12.16 -11.26
CA ALA A 78 -25.41 11.58 -10.20
C ALA A 78 -26.79 12.23 -10.14
N LEU A 79 -26.86 13.54 -10.36
CA LEU A 79 -28.16 14.21 -10.31
C LEU A 79 -29.14 13.61 -11.31
N ALA A 80 -28.67 13.35 -12.52
CA ALA A 80 -29.54 12.77 -13.54
C ALA A 80 -29.79 11.29 -13.29
N LEU A 81 -28.77 10.57 -12.81
CA LEU A 81 -28.91 9.13 -12.64
C LEU A 81 -29.86 8.79 -11.50
N GLY A 82 -29.72 9.45 -10.36
CA GLY A 82 -30.47 9.11 -9.18
C GLY A 82 -29.84 7.94 -8.45
N PRO A 83 -29.90 7.94 -7.11
CA PRO A 83 -29.31 6.84 -6.35
C PRO A 83 -29.56 5.46 -6.94
N GLU A 84 -30.78 5.20 -7.41
CA GLU A 84 -31.11 3.85 -7.89
C GLU A 84 -30.18 3.44 -9.03
N ARG A 85 -30.00 4.31 -10.02
CA ARG A 85 -29.11 3.98 -11.13
C ARG A 85 -27.63 4.12 -10.74
N LEU A 86 -27.32 5.10 -9.88
CA LEU A 86 -25.93 5.35 -9.54
C LEU A 86 -25.32 4.18 -8.79
N SER A 87 -26.07 3.59 -7.86
CA SER A 87 -25.52 2.45 -7.11
C SER A 87 -25.21 1.29 -8.03
N ALA A 88 -26.12 0.96 -8.94
CA ALA A 88 -25.86 -0.13 -9.88
C ALA A 88 -24.71 0.21 -10.83
N PHE A 89 -24.58 1.48 -11.20
CA PHE A 89 -23.50 1.90 -12.08
C PHE A 89 -22.13 1.74 -11.39
N VAL A 90 -22.07 2.07 -10.11
CA VAL A 90 -20.80 1.98 -9.38
C VAL A 90 -20.54 0.58 -8.83
N PHE A 91 -21.55 -0.29 -8.85
CA PHE A 91 -21.39 -1.60 -8.19
C PHE A 91 -20.18 -2.40 -8.67
N PRO A 92 -19.85 -2.47 -9.96
CA PRO A 92 -18.73 -3.33 -10.37
C PRO A 92 -17.41 -2.99 -9.69
N GLY A 93 -17.11 -1.71 -9.48
CA GLY A 93 -15.91 -1.35 -8.74
C GLY A 93 -15.95 -1.85 -7.31
N GLU A 94 -17.10 -1.74 -6.66
CA GLU A 94 -17.25 -2.29 -5.32
C GLU A 94 -17.03 -3.79 -5.32
N LEU A 95 -17.52 -4.47 -6.37
CA LEU A 95 -17.33 -5.92 -6.46
C LEU A 95 -15.85 -6.27 -6.60
N LEU A 96 -15.12 -5.52 -7.41
CA LEU A 96 -13.68 -5.75 -7.52
C LEU A 96 -12.98 -5.53 -6.19
N LEU A 97 -13.34 -4.45 -5.48
CA LEU A 97 -12.74 -4.19 -4.17
C LEU A 97 -13.05 -5.31 -3.19
N ARG A 98 -14.28 -5.81 -3.21
CA ARG A 98 -14.65 -6.93 -2.35
C ARG A 98 -13.83 -8.17 -2.69
N LEU A 99 -13.66 -8.44 -3.98
CA LEU A 99 -12.88 -9.61 -4.39
C LEU A 99 -11.44 -9.52 -3.88
N LEU A 100 -10.83 -8.34 -3.98
CA LEU A 100 -9.46 -8.19 -3.51
C LEU A 100 -9.38 -8.26 -1.99
N ARG A 101 -10.34 -7.64 -1.29
CA ARG A 101 -10.34 -7.68 0.16
C ARG A 101 -10.56 -9.09 0.68
N MET A 102 -11.27 -9.93 -0.09
CA MET A 102 -11.46 -11.32 0.32
C MET A 102 -10.13 -12.05 0.35
N ILE A 103 -9.26 -11.80 -0.63
CA ILE A 103 -8.01 -12.53 -0.73
C ILE A 103 -6.89 -11.90 0.09
N ILE A 104 -7.05 -10.66 0.54
CA ILE A 104 -6.02 -10.03 1.38
C ILE A 104 -5.59 -10.98 2.50
N LEU A 105 -6.53 -11.41 3.33
CA LEU A 105 -6.17 -12.15 4.54
C LEU A 105 -5.34 -13.38 4.24
N PRO A 106 -5.88 -14.41 3.55
CA PRO A 106 -5.05 -15.59 3.29
C PRO A 106 -3.79 -15.27 2.52
N LEU A 107 -3.88 -14.38 1.53
CA LEU A 107 -2.69 -14.03 0.75
C LEU A 107 -1.59 -13.48 1.64
N VAL A 108 -1.91 -12.46 2.43
CA VAL A 108 -0.90 -11.82 3.27
C VAL A 108 -0.34 -12.83 4.28
N VAL A 109 -1.23 -13.55 4.97
CA VAL A 109 -0.78 -14.44 6.04
C VAL A 109 0.12 -15.52 5.48
N CYS A 110 -0.33 -16.21 4.43
CA CYS A 110 0.46 -17.31 3.87
C CYS A 110 1.75 -16.82 3.23
N SER A 111 1.71 -15.72 2.49
CA SER A 111 2.92 -15.20 1.88
C SER A 111 3.97 -14.84 2.93
N LEU A 112 3.53 -14.16 4.00
CA LEU A 112 4.47 -13.77 5.04
C LEU A 112 5.02 -14.99 5.77
N ILE A 113 4.17 -15.98 6.09
CA ILE A 113 4.66 -17.16 6.77
C ILE A 113 5.69 -17.88 5.91
N GLY A 114 5.39 -18.07 4.64
CA GLY A 114 6.34 -18.74 3.76
C GLY A 114 7.63 -17.97 3.61
N GLY A 115 7.55 -16.65 3.42
CA GLY A 115 8.77 -15.87 3.27
C GLY A 115 9.63 -15.91 4.51
N ALA A 116 9.01 -15.75 5.68
CA ALA A 116 9.77 -15.78 6.92
C ALA A 116 10.37 -17.16 7.17
N ALA A 117 9.69 -18.22 6.76
CA ALA A 117 10.20 -19.56 6.94
C ALA A 117 11.11 -20.02 5.79
N SER A 118 11.35 -19.15 4.80
CA SER A 118 12.18 -19.53 3.67
C SER A 118 13.68 -19.37 3.95
N LEU A 119 14.07 -18.65 4.99
CA LEU A 119 15.48 -18.46 5.34
C LEU A 119 15.79 -19.15 6.65
N ASP A 120 16.97 -19.78 6.72
CA ASP A 120 17.42 -20.42 7.94
C ASP A 120 17.85 -19.35 8.96
N PRO A 121 17.98 -19.72 10.23
CA PRO A 121 18.49 -18.75 11.21
C PRO A 121 19.86 -18.20 10.85
N GLY A 122 20.70 -19.00 10.18
CA GLY A 122 21.98 -18.50 9.72
C GLY A 122 21.88 -17.36 8.74
N ALA A 123 20.87 -17.38 7.87
CA ALA A 123 20.61 -16.30 6.94
C ALA A 123 19.69 -15.23 7.52
N LEU A 124 18.82 -15.61 8.45
CA LEU A 124 17.92 -14.64 9.06
C LEU A 124 18.69 -13.54 9.77
N GLY A 125 19.76 -13.91 10.48
CA GLY A 125 20.56 -12.93 11.19
C GLY A 125 21.31 -11.97 10.28
N ARG A 126 21.51 -12.33 9.02
CA ARG A 126 22.21 -11.46 8.08
C ARG A 126 21.25 -10.92 7.04
N LEU A 127 20.55 -11.82 6.33
CA LEU A 127 19.64 -11.40 5.27
C LEU A 127 18.38 -10.77 5.87
N GLY A 128 17.81 -11.40 6.90
CA GLY A 128 16.59 -10.86 7.48
C GLY A 128 16.80 -9.50 8.11
N ALA A 129 17.87 -9.35 8.89
CA ALA A 129 18.13 -8.06 9.54
C ALA A 129 18.40 -6.97 8.51
N TRP A 130 19.20 -7.27 7.49
CA TRP A 130 19.50 -6.27 6.48
C TRP A 130 18.26 -5.91 5.67
N ALA A 131 17.41 -6.90 5.37
CA ALA A 131 16.18 -6.61 4.65
C ALA A 131 15.25 -5.73 5.48
N LEU A 132 15.13 -6.02 6.78
CA LEU A 132 14.32 -5.17 7.64
C LEU A 132 14.88 -3.76 7.71
N LEU A 133 16.20 -3.63 7.82
CA LEU A 133 16.82 -2.31 7.87
C LEU A 133 16.56 -1.56 6.56
N PHE A 134 16.70 -2.24 5.43
CA PHE A 134 16.47 -1.60 4.15
C PHE A 134 15.03 -1.12 4.03
N PHE A 135 14.07 -1.96 4.40
CA PHE A 135 12.67 -1.57 4.35
C PHE A 135 12.43 -0.35 5.22
N LEU A 136 12.93 -0.38 6.46
CA LEU A 136 12.70 0.74 7.38
C LEU A 136 13.31 2.02 6.85
N VAL A 137 14.56 1.95 6.36
CA VAL A 137 15.24 3.15 5.87
C VAL A 137 14.54 3.71 4.65
N THR A 138 14.13 2.83 3.72
CA THR A 138 13.46 3.31 2.52
C THR A 138 12.12 3.95 2.86
N THR A 139 11.35 3.34 3.76
CA THR A 139 10.08 3.93 4.14
C THR A 139 10.29 5.28 4.83
N LEU A 140 11.30 5.37 5.69
CA LEU A 140 11.59 6.64 6.35
C LEU A 140 11.97 7.71 5.34
N LEU A 141 12.80 7.34 4.36
CA LEU A 141 13.19 8.30 3.33
C LEU A 141 11.99 8.75 2.51
N ALA A 142 11.11 7.82 2.17
CA ALA A 142 9.90 8.19 1.43
C ALA A 142 9.04 9.15 2.23
N SER A 143 8.86 8.89 3.52
CA SER A 143 8.07 9.77 4.36
C SER A 143 8.71 11.16 4.47
N ALA A 144 10.04 11.20 4.63
CA ALA A 144 10.73 12.48 4.72
C ALA A 144 10.59 13.27 3.41
N LEU A 145 10.72 12.58 2.27
CA LEU A 145 10.54 13.26 0.99
C LEU A 145 9.11 13.78 0.85
N GLY A 146 8.13 12.99 1.28
CA GLY A 146 6.76 13.47 1.25
C GLY A 146 6.56 14.72 2.08
N VAL A 147 7.11 14.72 3.30
CA VAL A 147 7.00 15.90 4.16
C VAL A 147 7.64 17.09 3.47
N GLY A 148 8.85 16.91 2.94
CA GLY A 148 9.55 18.02 2.31
C GLY A 148 8.79 18.60 1.15
N LEU A 149 8.30 17.73 0.25
CA LEU A 149 7.57 18.21 -0.91
C LEU A 149 6.27 18.88 -0.51
N ALA A 150 5.54 18.31 0.45
CA ALA A 150 4.29 18.92 0.88
C ALA A 150 4.50 20.29 1.51
N LEU A 151 5.51 20.42 2.37
CA LEU A 151 5.79 21.72 2.96
C LEU A 151 6.26 22.73 1.91
N ALA A 152 7.14 22.30 1.01
CA ALA A 152 7.69 23.22 0.01
C ALA A 152 6.60 23.69 -0.95
N LEU A 153 5.84 22.75 -1.51
CA LEU A 153 4.83 23.07 -2.51
C LEU A 153 3.51 23.54 -1.90
N GLN A 154 3.28 23.29 -0.61
CA GLN A 154 2.11 23.78 0.10
C GLN A 154 0.83 23.47 -0.68
N PRO A 155 0.40 22.21 -0.72
CA PRO A 155 -0.83 21.88 -1.46
C PRO A 155 -2.05 22.66 -1.03
N GLY A 156 -2.19 22.95 0.27
CA GLY A 156 -3.34 23.66 0.78
C GLY A 156 -3.07 25.14 0.94
N ALA A 157 -2.40 25.74 -0.04
CA ALA A 157 -1.99 27.13 0.08
C ALA A 157 -3.18 28.07 0.25
N ALA A 158 -4.25 27.87 -0.51
CA ALA A 158 -5.40 28.76 -0.44
C ALA A 158 -6.65 27.99 -0.85
N SER A 177 -11.69 13.11 17.61
CA SER A 177 -10.40 13.53 18.18
C SER A 177 -9.83 12.43 19.06
N LYS A 178 -8.52 12.19 18.92
CA LYS A 178 -7.82 11.19 19.71
C LYS A 178 -6.46 11.73 20.10
N GLU A 179 -6.06 11.48 21.34
CA GLU A 179 -4.77 11.95 21.82
C GLU A 179 -3.64 11.25 21.07
N VAL A 180 -2.52 11.96 20.91
CA VAL A 180 -1.37 11.40 20.22
C VAL A 180 -0.85 10.17 20.96
N LEU A 181 -0.76 10.26 22.29
CA LEU A 181 -0.33 9.11 23.08
C LEU A 181 -1.30 7.95 22.90
N ASP A 182 -2.60 8.23 22.91
CA ASP A 182 -3.59 7.18 22.69
C ASP A 182 -3.46 6.58 21.31
N SER A 183 -3.20 7.41 20.29
CA SER A 183 -3.01 6.87 18.95
C SER A 183 -1.81 5.95 18.88
N PHE A 184 -0.69 6.33 19.51
CA PHE A 184 0.48 5.45 19.50
C PHE A 184 0.25 4.17 20.29
N LEU A 185 -0.47 4.25 21.42
CA LEU A 185 -0.80 3.05 22.16
C LEU A 185 -1.71 2.13 21.35
N ASP A 186 -2.67 2.71 20.62
CA ASP A 186 -3.50 1.91 19.73
C ASP A 186 -2.68 1.25 18.64
N LEU A 187 -1.70 1.97 18.10
CA LEU A 187 -0.80 1.37 17.12
C LEU A 187 -0.05 0.18 17.71
N ALA A 188 0.48 0.35 18.92
CA ALA A 188 1.20 -0.74 19.58
C ALA A 188 0.28 -1.93 19.83
N ARG A 189 -0.96 -1.68 20.26
CA ARG A 189 -1.91 -2.75 20.48
C ARG A 189 -2.24 -3.48 19.18
N ASN A 190 -2.41 -2.74 18.09
CA ASN A 190 -2.70 -3.37 16.80
C ASN A 190 -1.50 -4.18 16.31
N ILE A 191 -0.28 -3.75 16.66
CA ILE A 191 0.89 -4.53 16.28
C ILE A 191 0.85 -5.90 16.94
N PHE A 192 0.44 -5.95 18.21
CA PHE A 192 0.34 -7.20 18.95
C PHE A 192 -1.13 -7.51 19.20
N PRO A 193 -1.83 -8.13 18.25
CA PRO A 193 -3.27 -8.36 18.44
C PRO A 193 -3.53 -9.29 19.62
N SER A 194 -4.65 -9.03 20.30
CA SER A 194 -5.06 -9.86 21.42
C SER A 194 -5.80 -11.13 20.97
N ASN A 195 -6.20 -11.21 19.70
CA ASN A 195 -6.90 -12.37 19.19
C ASN A 195 -6.66 -12.44 17.69
N LEU A 196 -6.14 -13.57 17.22
CA LEU A 196 -5.82 -13.69 15.80
C LEU A 196 -7.08 -13.72 14.94
N VAL A 197 -8.13 -14.41 15.39
CA VAL A 197 -9.37 -14.44 14.63
C VAL A 197 -9.99 -13.05 14.57
N SER A 198 -10.03 -12.35 15.71
CA SER A 198 -10.57 -11.00 15.72
C SER A 198 -9.72 -10.06 14.88
N ALA A 199 -8.40 -10.24 14.91
CA ALA A 199 -7.51 -9.38 14.14
C ALA A 199 -7.80 -9.49 12.63
N ALA A 200 -8.47 -10.57 12.21
CA ALA A 200 -8.76 -10.75 10.80
C ALA A 200 -9.81 -9.80 10.27
N PHE A 201 -10.64 -9.21 11.14
CA PHE A 201 -11.66 -8.28 10.66
C PHE A 201 -11.88 -7.10 11.61
N ARG A 202 -11.07 -6.98 12.67
CA ARG A 202 -11.22 -5.88 13.62
C ARG A 202 -9.86 -5.33 14.01
N SER A 203 -9.87 -4.07 14.43
CA SER A 203 -8.67 -3.38 14.91
C SER A 203 -9.00 -2.61 16.17
N TYR A 204 -8.01 -2.50 17.05
CA TYR A 204 -8.19 -1.78 18.30
C TYR A 204 -8.31 -0.28 18.03
N SER A 205 -9.14 0.40 18.83
CA SER A 205 -9.33 1.84 18.69
C SER A 205 -9.79 2.41 20.02
N THR A 206 -9.21 3.55 20.41
CA THR A 206 -9.54 4.15 21.69
C THR A 206 -10.59 5.24 21.53
N THR A 207 -11.60 5.21 22.41
CA THR A 207 -12.58 6.27 22.54
C THR A 207 -12.49 6.82 23.96
N TYR A 208 -13.29 7.84 24.25
CA TYR A 208 -13.19 8.54 25.52
C TYR A 208 -14.56 8.63 26.18
N GLU A 209 -14.55 8.53 27.51
CA GLU A 209 -15.74 8.70 28.34
C GLU A 209 -15.43 9.67 29.47
N GLU A 210 -16.31 10.64 29.66
CA GLU A 210 -16.09 11.66 30.68
C GLU A 210 -16.42 11.13 32.07
N ARG A 211 -15.63 10.17 32.54
CA ARG A 211 -15.82 9.62 33.88
C ARG A 211 -15.22 10.53 34.94
N VAL A 218 -13.21 14.83 33.43
CA VAL A 218 -11.92 14.34 32.97
C VAL A 218 -12.13 13.17 32.03
N LYS A 219 -11.48 13.23 30.87
CA LYS A 219 -11.62 12.17 29.88
C LYS A 219 -10.88 10.92 30.33
N VAL A 220 -11.53 9.78 30.21
CA VAL A 220 -10.93 8.47 30.51
C VAL A 220 -10.98 7.64 29.23
N PRO A 221 -9.87 7.09 28.76
CA PRO A 221 -9.90 6.32 27.52
C PRO A 221 -10.34 4.89 27.75
N VAL A 222 -11.26 4.43 26.91
CA VAL A 222 -11.71 3.05 26.88
C VAL A 222 -11.52 2.52 25.46
N GLY A 223 -10.99 1.31 25.34
CA GLY A 223 -10.62 0.75 24.06
C GLY A 223 -11.66 -0.25 23.56
N GLN A 224 -12.12 -0.02 22.34
CA GLN A 224 -13.01 -0.92 21.64
C GLN A 224 -12.26 -1.59 20.49
N GLU A 225 -12.91 -2.56 19.88
CA GLU A 225 -12.45 -3.13 18.62
C GLU A 225 -13.45 -2.80 17.53
N VAL A 226 -12.99 -2.12 16.49
CA VAL A 226 -13.84 -1.58 15.45
C VAL A 226 -13.55 -2.30 14.14
N GLU A 227 -14.51 -2.24 13.22
CA GLU A 227 -14.40 -2.96 11.97
C GLU A 227 -13.18 -2.50 11.19
N GLY A 228 -12.54 -3.44 10.49
CA GLY A 228 -11.35 -3.16 9.71
C GLY A 228 -10.28 -4.19 9.96
N MET A 229 -9.81 -4.83 8.90
CA MET A 229 -8.81 -5.87 9.05
C MET A 229 -7.52 -5.31 9.65
N ASN A 230 -6.97 -6.03 10.62
CA ASN A 230 -5.74 -5.61 11.29
C ASN A 230 -4.56 -6.19 10.53
N ILE A 231 -4.19 -5.50 9.45
CA ILE A 231 -3.10 -5.97 8.60
C ILE A 231 -1.78 -5.95 9.36
N LEU A 232 -1.60 -4.97 10.23
CA LEU A 232 -0.33 -4.84 10.95
C LEU A 232 -0.11 -6.00 11.91
N GLY A 233 -1.11 -6.30 12.73
CA GLY A 233 -0.98 -7.41 13.66
C GLY A 233 -0.85 -8.75 12.96
N LEU A 234 -1.63 -8.95 11.89
CA LEU A 234 -1.52 -10.18 11.12
C LEU A 234 -0.13 -10.31 10.50
N VAL A 235 0.42 -9.21 10.00
CA VAL A 235 1.75 -9.24 9.39
C VAL A 235 2.79 -9.63 10.43
N VAL A 236 2.73 -9.00 11.61
CA VAL A 236 3.70 -9.30 12.66
C VAL A 236 3.58 -10.76 13.07
N PHE A 237 2.36 -11.24 13.29
CA PHE A 237 2.18 -12.62 13.70
C PHE A 237 2.65 -13.59 12.63
N ALA A 238 2.38 -13.28 11.36
CA ALA A 238 2.79 -14.18 10.28
C ALA A 238 4.31 -14.27 10.21
N ILE A 239 4.99 -13.13 10.33
CA ILE A 239 6.45 -13.17 10.28
C ILE A 239 7.01 -13.96 11.46
N VAL A 240 6.48 -13.71 12.66
CA VAL A 240 6.97 -14.40 13.85
C VAL A 240 6.71 -15.90 13.73
N PHE A 241 5.53 -16.27 13.23
CA PHE A 241 5.17 -17.68 13.10
C PHE A 241 6.03 -18.37 12.05
N GLY A 242 6.35 -17.68 10.96
CA GLY A 242 7.26 -18.25 9.98
C GLY A 242 8.64 -18.48 10.56
N VAL A 243 9.14 -17.52 11.34
CA VAL A 243 10.43 -17.70 12.00
C VAL A 243 10.37 -18.90 12.94
N ALA A 244 9.27 -19.03 13.70
CA ALA A 244 9.13 -20.17 14.60
C ALA A 244 9.10 -21.48 13.84
N LEU A 245 8.39 -21.52 12.72
CA LEU A 245 8.35 -22.72 11.90
C LEU A 245 9.74 -23.09 11.40
N ARG A 246 10.53 -22.10 10.98
CA ARG A 246 11.91 -22.38 10.61
C ARG A 246 12.68 -22.94 11.78
N LYS A 247 12.47 -22.39 12.98
CA LYS A 247 13.17 -22.89 14.16
C LYS A 247 12.88 -24.35 14.42
N LEU A 248 11.66 -24.81 14.14
CA LEU A 248 11.28 -26.18 14.43
C LEU A 248 12.07 -27.20 13.62
N GLY A 249 12.59 -26.81 12.46
CA GLY A 249 13.32 -27.72 11.62
C GLY A 249 12.40 -28.70 10.91
N PRO A 250 12.75 -29.98 10.91
CA PRO A 250 11.91 -30.96 10.20
C PRO A 250 10.47 -30.99 10.67
N GLU A 251 10.22 -30.73 11.96
CA GLU A 251 8.86 -30.79 12.47
C GLU A 251 7.97 -29.75 11.81
N GLY A 252 8.53 -28.60 11.44
CA GLY A 252 7.73 -27.52 10.89
C GLY A 252 7.62 -27.51 9.38
N GLU A 253 8.28 -28.46 8.71
CA GLU A 253 8.26 -28.49 7.26
C GLU A 253 6.85 -28.72 6.72
N LEU A 254 6.04 -29.51 7.43
CA LEU A 254 4.68 -29.77 6.98
C LEU A 254 3.87 -28.48 6.92
N LEU A 255 3.99 -27.64 7.95
CA LEU A 255 3.26 -26.38 7.95
C LEU A 255 3.79 -25.41 6.91
N ILE A 256 5.11 -25.42 6.66
CA ILE A 256 5.66 -24.59 5.59
C ILE A 256 5.06 -25.00 4.26
N ARG A 257 5.00 -26.32 4.00
CA ARG A 257 4.39 -26.80 2.77
C ARG A 257 2.92 -26.40 2.69
N PHE A 258 2.19 -26.54 3.80
CA PHE A 258 0.78 -26.20 3.81
C PHE A 258 0.57 -24.73 3.46
N PHE A 259 1.33 -23.84 4.09
CA PHE A 259 1.15 -22.42 3.83
C PHE A 259 1.62 -22.04 2.44
N ASN A 260 2.67 -22.69 1.92
CA ASN A 260 3.09 -22.42 0.55
C ASN A 260 2.00 -22.85 -0.44
N SER A 261 1.39 -24.01 -0.23
CA SER A 261 0.32 -24.45 -1.11
C SER A 261 -0.88 -23.52 -1.03
N PHE A 262 -1.23 -23.08 0.18
CA PHE A 262 -2.32 -22.13 0.33
C PHE A 262 -2.02 -20.82 -0.38
N ASN A 263 -0.78 -20.33 -0.27
CA ASN A 263 -0.41 -19.10 -0.96
C ASN A 263 -0.50 -19.29 -2.47
N GLU A 264 -0.06 -20.44 -2.98
CA GLU A 264 -0.14 -20.68 -4.42
C GLU A 264 -1.58 -20.70 -4.91
N ALA A 265 -2.47 -21.36 -4.16
CA ALA A 265 -3.88 -21.35 -4.53
C ALA A 265 -4.45 -19.95 -4.49
N THR A 266 -4.07 -19.16 -3.48
CA THR A 266 -4.53 -17.78 -3.40
C THR A 266 -4.02 -16.98 -4.59
N MET A 267 -2.78 -17.23 -5.03
CA MET A 267 -2.27 -16.54 -6.21
C MET A 267 -3.04 -16.95 -7.47
N VAL A 268 -3.46 -18.22 -7.55
CA VAL A 268 -4.31 -18.61 -8.67
C VAL A 268 -5.61 -17.80 -8.64
N LEU A 269 -6.20 -17.67 -7.46
CA LEU A 269 -7.41 -16.85 -7.34
C LEU A 269 -7.15 -15.40 -7.73
N VAL A 270 -6.01 -14.86 -7.34
CA VAL A 270 -5.68 -13.48 -7.68
C VAL A 270 -5.53 -13.34 -9.20
N SER A 271 -4.90 -14.31 -9.84
CA SER A 271 -4.77 -14.27 -11.30
C SER A 271 -6.13 -14.31 -11.97
N TRP A 272 -7.05 -15.12 -11.45
CA TRP A 272 -8.41 -15.10 -11.99
C TRP A 272 -9.08 -13.74 -11.77
N ILE A 273 -8.90 -13.15 -10.60
CA ILE A 273 -9.54 -11.87 -10.30
C ILE A 273 -9.00 -10.77 -11.22
N MET A 274 -7.71 -10.85 -11.56
CA MET A 274 -7.11 -9.82 -12.39
C MET A 274 -7.74 -9.76 -13.78
N TRP A 275 -8.44 -10.81 -14.20
CA TRP A 275 -9.14 -10.76 -15.47
C TRP A 275 -10.46 -10.00 -15.38
N TYR A 276 -11.10 -9.99 -14.21
CA TYR A 276 -12.22 -9.08 -13.98
C TYR A 276 -11.74 -7.69 -13.65
N ALA A 277 -10.47 -7.56 -13.24
CA ALA A 277 -9.95 -6.26 -12.82
C ALA A 277 -10.18 -5.15 -13.85
N PRO A 278 -10.04 -5.37 -15.16
CA PRO A 278 -10.32 -4.28 -16.11
C PRO A 278 -11.70 -3.66 -15.95
N VAL A 279 -12.76 -4.47 -15.96
CA VAL A 279 -14.12 -3.94 -15.86
C VAL A 279 -14.31 -3.25 -14.51
N GLY A 280 -13.85 -3.87 -13.44
CA GLY A 280 -14.01 -3.29 -12.12
C GLY A 280 -13.31 -1.95 -12.02
N ILE A 281 -12.10 -1.86 -12.55
CA ILE A 281 -11.35 -0.61 -12.51
C ILE A 281 -12.04 0.46 -13.34
N MET A 282 -12.51 0.09 -14.54
CA MET A 282 -13.21 1.05 -15.38
C MET A 282 -14.40 1.63 -14.64
N PHE A 283 -15.25 0.77 -14.08
CA PHE A 283 -16.44 1.26 -13.39
C PHE A 283 -16.09 2.01 -12.10
N LEU A 284 -15.02 1.60 -11.41
CA LEU A 284 -14.60 2.32 -10.21
C LEU A 284 -14.18 3.73 -10.54
N VAL A 285 -13.35 3.89 -11.57
CA VAL A 285 -12.93 5.23 -11.98
C VAL A 285 -14.12 6.05 -12.44
N ALA A 286 -15.01 5.44 -13.23
CA ALA A 286 -16.17 6.16 -13.72
C ALA A 286 -17.04 6.64 -12.56
N GLY A 287 -17.25 5.78 -11.56
CA GLY A 287 -18.06 6.17 -10.42
C GLY A 287 -17.40 7.26 -9.60
N LYS A 288 -16.10 7.14 -9.38
CA LYS A 288 -15.41 8.15 -8.58
C LYS A 288 -15.35 9.49 -9.29
N ILE A 289 -15.40 9.49 -10.63
CA ILE A 289 -15.43 10.75 -11.36
C ILE A 289 -16.85 11.31 -11.48
N VAL A 290 -17.86 10.45 -11.53
CA VAL A 290 -19.25 10.93 -11.54
C VAL A 290 -19.62 11.49 -10.17
N GLU A 291 -19.03 10.94 -9.09
CA GLU A 291 -19.38 11.39 -7.75
C GLU A 291 -19.04 12.86 -7.56
N MET A 292 -17.87 13.29 -8.02
CA MET A 292 -17.46 14.68 -7.85
C MET A 292 -18.31 15.59 -8.73
N GLU A 293 -18.43 16.85 -8.30
CA GLU A 293 -19.27 17.80 -9.01
C GLU A 293 -18.77 18.02 -10.44
N ASP A 294 -17.46 18.19 -10.60
CA ASP A 294 -16.88 18.41 -11.91
C ASP A 294 -15.37 18.20 -11.82
N VAL A 295 -14.80 17.51 -12.81
CA VAL A 295 -13.37 17.27 -12.80
C VAL A 295 -12.60 18.58 -12.85
N GLY A 296 -13.02 19.51 -13.72
CA GLY A 296 -12.36 20.78 -13.81
C GLY A 296 -12.47 21.60 -12.54
N LEU A 297 -13.44 21.29 -11.70
CA LEU A 297 -13.66 22.02 -10.46
C LEU A 297 -12.92 21.39 -9.29
N LEU A 298 -12.96 20.06 -9.17
CA LEU A 298 -12.25 19.39 -8.09
C LEU A 298 -10.75 19.39 -8.31
N PHE A 299 -10.31 19.21 -9.56
CA PHE A 299 -8.88 19.29 -9.84
C PHE A 299 -8.33 20.68 -9.59
N ALA A 300 -9.15 21.72 -9.70
CA ALA A 300 -8.69 23.05 -9.31
C ALA A 300 -8.22 23.04 -7.85
N ARG A 301 -8.97 22.38 -6.98
CA ARG A 301 -8.55 22.26 -5.57
C ARG A 301 -7.34 21.35 -5.43
N LEU A 302 -7.39 20.17 -6.06
CA LEU A 302 -6.47 19.09 -5.74
C LEU A 302 -5.27 18.99 -6.67
N GLY A 303 -5.06 19.98 -7.54
CA GLY A 303 -3.93 19.90 -8.46
C GLY A 303 -2.59 19.88 -7.75
N LYS A 304 -2.42 20.76 -6.77
CA LYS A 304 -1.15 20.79 -6.04
C LYS A 304 -0.92 19.51 -5.27
N TYR A 305 -1.97 18.95 -4.67
CA TYR A 305 -1.84 17.70 -3.93
C TYR A 305 -1.44 16.55 -4.87
N ILE A 306 -2.11 16.46 -6.03
CA ILE A 306 -1.77 15.41 -6.99
C ILE A 306 -0.35 15.60 -7.49
N LEU A 307 0.03 16.84 -7.79
CA LEU A 307 1.38 17.11 -8.26
C LEU A 307 2.41 16.70 -7.21
N CYS A 308 2.15 17.03 -5.94
CA CYS A 308 3.08 16.65 -4.89
C CYS A 308 3.23 15.14 -4.81
N CYS A 309 2.12 14.42 -4.82
CA CYS A 309 2.19 12.96 -4.72
C CYS A 309 2.96 12.37 -5.90
N LEU A 310 2.60 12.78 -7.13
CA LEU A 310 3.23 12.20 -8.30
C LEU A 310 4.70 12.59 -8.39
N LEU A 311 5.04 13.83 -8.06
CA LEU A 311 6.43 14.27 -8.11
C LEU A 311 7.26 13.54 -7.07
N GLY A 312 6.71 13.34 -5.86
CA GLY A 312 7.42 12.58 -4.86
C GLY A 312 7.64 11.14 -5.28
N HIS A 313 6.62 10.52 -5.87
CA HIS A 313 6.77 9.15 -6.35
C HIS A 313 7.85 9.08 -7.42
N ALA A 314 7.84 10.02 -8.37
CA ALA A 314 8.84 10.03 -9.43
C ALA A 314 10.24 10.23 -8.86
N ILE A 315 10.38 11.15 -7.91
CA ILE A 315 11.70 11.41 -7.32
C ILE A 315 12.20 10.16 -6.58
N HIS A 316 11.31 9.52 -5.81
CA HIS A 316 11.73 8.37 -5.03
C HIS A 316 12.07 7.18 -5.91
N GLY A 317 11.27 6.94 -6.94
CA GLY A 317 11.49 5.78 -7.79
C GLY A 317 12.61 5.95 -8.80
N LEU A 318 12.77 7.16 -9.32
CA LEU A 318 13.74 7.41 -10.38
C LEU A 318 15.06 7.99 -9.86
N LEU A 319 15.06 8.63 -8.68
CA LEU A 319 16.28 9.23 -8.15
C LEU A 319 16.71 8.59 -6.84
N VAL A 320 15.84 8.55 -5.83
CA VAL A 320 16.27 8.17 -4.48
C VAL A 320 16.60 6.68 -4.43
N LEU A 321 15.63 5.83 -4.76
CA LEU A 321 15.87 4.39 -4.72
C LEU A 321 16.98 3.99 -5.68
N PRO A 322 17.01 4.45 -6.94
CA PRO A 322 18.18 4.17 -7.78
C PRO A 322 19.48 4.68 -7.21
N LEU A 323 19.46 5.83 -6.52
CA LEU A 323 20.68 6.32 -5.90
C LEU A 323 21.16 5.37 -4.82
N ILE A 324 20.25 4.85 -4.00
CA ILE A 324 20.63 3.89 -2.98
C ILE A 324 21.17 2.62 -3.64
N TYR A 325 20.52 2.17 -4.71
CA TYR A 325 20.97 0.98 -5.42
C TYR A 325 22.38 1.17 -5.96
N PHE A 326 22.65 2.34 -6.54
CA PHE A 326 23.98 2.66 -7.07
C PHE A 326 25.02 2.81 -5.98
N LEU A 327 24.65 3.36 -4.82
CA LEU A 327 25.59 3.52 -3.72
C LEU A 327 25.98 2.19 -3.08
N PHE A 328 25.00 1.33 -2.81
CA PHE A 328 25.30 0.03 -2.22
C PHE A 328 25.73 -1.01 -3.25
N THR A 329 25.46 -0.78 -4.52
CA THR A 329 25.92 -1.64 -5.59
C THR A 329 26.29 -0.77 -6.79
N ARG A 330 27.43 -1.08 -7.40
CA ARG A 330 27.93 -0.29 -8.52
C ARG A 330 27.34 -0.73 -9.85
N LYS A 331 26.18 -1.38 -9.84
CA LYS A 331 25.48 -1.72 -11.05
C LYS A 331 24.50 -0.62 -11.43
N ASN A 332 24.06 -0.63 -12.68
CA ASN A 332 23.13 0.40 -13.14
C ASN A 332 21.73 0.10 -12.63
N PRO A 333 21.09 1.01 -11.89
CA PRO A 333 19.74 0.70 -11.39
C PRO A 333 18.68 0.69 -12.47
N TYR A 334 18.78 1.59 -13.45
CA TYR A 334 17.76 1.65 -14.50
C TYR A 334 17.78 0.40 -15.37
N ARG A 335 18.94 -0.25 -15.52
CA ARG A 335 18.96 -1.55 -16.18
C ARG A 335 18.15 -2.57 -15.39
N PHE A 336 18.24 -2.52 -14.07
CA PHE A 336 17.40 -3.37 -13.23
C PHE A 336 15.92 -3.05 -13.43
N LEU A 337 15.58 -1.76 -13.51
CA LEU A 337 14.20 -1.36 -13.68
C LEU A 337 13.66 -1.80 -15.04
N TRP A 338 14.53 -1.83 -16.05
CA TRP A 338 14.08 -2.25 -17.38
C TRP A 338 13.61 -3.70 -17.38
N GLY A 339 14.19 -4.54 -16.53
CA GLY A 339 13.79 -5.93 -16.44
C GLY A 339 12.52 -6.16 -15.63
N ILE A 340 11.98 -5.12 -15.01
CA ILE A 340 10.78 -5.25 -14.19
C ILE A 340 9.72 -4.24 -14.64
N VAL A 341 9.98 -3.54 -15.73
CA VAL A 341 8.98 -2.65 -16.31
C VAL A 341 7.60 -3.30 -16.31
N THR A 342 7.51 -4.54 -16.80
CA THR A 342 6.19 -5.18 -16.89
C THR A 342 5.55 -5.33 -15.51
N PRO A 343 6.26 -5.81 -14.47
CA PRO A 343 5.70 -5.71 -13.11
C PRO A 343 5.27 -4.29 -12.75
N LEU A 344 6.05 -3.28 -13.12
CA LEU A 344 5.68 -1.90 -12.79
C LEU A 344 4.41 -1.47 -13.49
N ALA A 345 4.27 -1.81 -14.78
CA ALA A 345 3.05 -1.46 -15.49
C ALA A 345 1.84 -2.20 -14.94
N THR A 346 2.00 -3.47 -14.59
CA THR A 346 0.92 -4.20 -13.96
C THR A 346 0.54 -3.57 -12.62
N ALA A 347 1.54 -3.12 -11.87
CA ALA A 347 1.28 -2.43 -10.61
C ALA A 347 0.48 -1.15 -10.84
N PHE A 348 0.87 -0.37 -11.84
CA PHE A 348 0.14 0.86 -12.14
C PHE A 348 -1.30 0.53 -12.50
N GLY A 349 -1.51 -0.42 -13.40
CA GLY A 349 -2.84 -0.77 -13.84
C GLY A 349 -3.72 -1.28 -12.71
N THR A 350 -3.33 -2.43 -12.15
CA THR A 350 -4.13 -3.06 -11.09
C THR A 350 -4.08 -2.26 -9.80
N SER A 351 -2.96 -1.59 -9.53
CA SER A 351 -2.77 -0.87 -8.26
C SER A 351 -2.86 -1.83 -7.08
N SER A 352 -2.31 -3.03 -7.26
CA SER A 352 -2.27 -4.06 -6.23
C SER A 352 -0.94 -4.79 -6.33
N SER A 353 0.01 -4.42 -5.46
CA SER A 353 1.30 -5.11 -5.46
C SER A 353 1.14 -6.59 -5.16
N SER A 354 0.14 -6.93 -4.35
CA SER A 354 -0.12 -8.34 -4.05
C SER A 354 -0.44 -9.12 -5.31
N ALA A 355 -1.25 -8.54 -6.20
CA ALA A 355 -1.54 -9.17 -7.48
C ALA A 355 -0.35 -9.09 -8.45
N THR A 356 0.57 -8.16 -8.23
CA THR A 356 1.76 -8.07 -9.06
C THR A 356 2.87 -9.00 -8.59
N LEU A 357 2.72 -9.61 -7.42
CA LEU A 357 3.79 -10.43 -6.84
C LEU A 357 4.31 -11.51 -7.80
N PRO A 358 3.48 -12.33 -8.43
CA PRO A 358 4.04 -13.44 -9.22
C PRO A 358 4.92 -12.98 -10.36
N LEU A 359 4.40 -12.10 -11.21
CA LEU A 359 5.20 -11.58 -12.32
C LEU A 359 6.43 -10.87 -11.80
N MET A 360 6.32 -10.21 -10.63
CA MET A 360 7.47 -9.52 -10.05
C MET A 360 8.58 -10.50 -9.70
N MET A 361 8.24 -11.59 -9.01
CA MET A 361 9.24 -12.60 -8.70
C MET A 361 9.82 -13.20 -9.96
N LYS A 362 8.97 -13.47 -10.95
CA LYS A 362 9.46 -14.05 -12.20
C LYS A 362 10.49 -13.13 -12.86
N CYS A 363 10.19 -11.83 -12.91
CA CYS A 363 11.10 -10.89 -13.56
C CYS A 363 12.40 -10.75 -12.77
N VAL A 364 12.31 -10.61 -11.45
CA VAL A 364 13.54 -10.42 -10.68
C VAL A 364 14.43 -11.65 -10.77
N GLU A 365 13.83 -12.85 -10.77
CA GLU A 365 14.62 -14.07 -10.82
C GLU A 365 15.24 -14.28 -12.20
N GLU A 366 14.42 -14.11 -13.25
CA GLU A 366 14.89 -14.42 -14.60
C GLU A 366 15.62 -13.25 -15.23
N ASN A 367 14.98 -12.09 -15.30
CA ASN A 367 15.55 -10.94 -16.01
C ASN A 367 16.75 -10.33 -15.31
N ASN A 368 16.78 -10.34 -13.99
CA ASN A 368 17.81 -9.67 -13.22
C ASN A 368 18.75 -10.61 -12.48
N GLY A 369 18.48 -11.92 -12.50
CA GLY A 369 19.40 -12.86 -11.90
C GLY A 369 19.39 -12.92 -10.39
N VAL A 370 18.33 -12.43 -9.75
CA VAL A 370 18.23 -12.51 -8.30
C VAL A 370 18.08 -13.97 -7.90
N ALA A 371 18.79 -14.37 -6.85
CA ALA A 371 18.73 -15.76 -6.40
C ALA A 371 17.33 -16.12 -5.94
N LYS A 372 17.01 -17.41 -6.06
CA LYS A 372 15.66 -17.86 -5.78
C LYS A 372 15.25 -17.56 -4.33
N HIS A 373 16.11 -17.89 -3.38
CA HIS A 373 15.77 -17.66 -1.98
C HIS A 373 15.66 -16.18 -1.66
N ILE A 374 16.55 -15.36 -2.24
CA ILE A 374 16.50 -13.92 -2.00
C ILE A 374 15.15 -13.37 -2.41
N SER A 375 14.68 -13.73 -3.61
CA SER A 375 13.37 -13.27 -4.06
C SER A 375 12.27 -13.83 -3.17
N ARG A 376 12.27 -15.15 -2.97
CA ARG A 376 11.19 -15.79 -2.20
C ARG A 376 11.09 -15.24 -0.80
N PHE A 377 12.15 -14.64 -0.27
CA PHE A 377 12.07 -14.00 1.04
C PHE A 377 11.66 -12.54 0.92
N ILE A 378 12.37 -11.78 0.09
CA ILE A 378 12.22 -10.32 0.11
C ILE A 378 10.87 -9.91 -0.49
N LEU A 379 10.48 -10.51 -1.61
CA LEU A 379 9.34 -9.97 -2.34
C LEU A 379 8.01 -10.27 -1.66
N PRO A 380 7.71 -11.51 -1.28
CA PRO A 380 6.45 -11.74 -0.57
C PRO A 380 6.35 -10.96 0.72
N ILE A 381 7.46 -10.77 1.43
CA ILE A 381 7.45 -9.95 2.63
C ILE A 381 7.35 -8.47 2.26
N GLY A 382 8.19 -8.01 1.34
CA GLY A 382 8.21 -6.60 1.02
C GLY A 382 6.87 -6.11 0.51
N ALA A 383 6.17 -6.93 -0.26
CA ALA A 383 4.90 -6.52 -0.85
C ALA A 383 3.87 -6.13 0.18
N THR A 384 3.99 -6.60 1.43
CA THR A 384 3.08 -6.26 2.49
C THR A 384 3.70 -5.31 3.51
N VAL A 385 4.96 -5.53 3.89
CA VAL A 385 5.60 -4.69 4.90
C VAL A 385 6.13 -3.41 4.27
N ASN A 386 6.80 -3.51 3.13
CA ASN A 386 7.50 -2.39 2.52
C ASN A 386 6.61 -1.76 1.46
N MET A 387 6.19 -0.52 1.71
CA MET A 387 5.42 0.27 0.74
C MET A 387 5.87 1.73 0.85
N ASP A 388 6.84 2.11 0.02
CA ASP A 388 7.29 3.49 -0.03
C ASP A 388 6.23 4.40 -0.63
N GLY A 389 5.53 3.92 -1.66
CA GLY A 389 4.49 4.74 -2.28
C GLY A 389 3.35 5.04 -1.33
N ALA A 390 2.88 4.02 -0.61
CA ALA A 390 1.82 4.24 0.36
C ALA A 390 2.25 5.22 1.44
N ALA A 391 3.48 5.06 1.95
CA ALA A 391 3.97 5.95 2.99
C ALA A 391 4.06 7.38 2.47
N LEU A 392 4.59 7.56 1.26
CA LEU A 392 4.73 8.91 0.71
C LEU A 392 3.36 9.55 0.49
N PHE A 393 2.41 8.80 -0.05
CA PHE A 393 1.08 9.34 -0.27
C PHE A 393 0.42 9.72 1.03
N GLN A 394 0.51 8.84 2.04
CA GLN A 394 -0.13 9.13 3.32
C GLN A 394 0.51 10.33 3.98
N CYS A 395 1.83 10.46 3.88
CA CYS A 395 2.50 11.61 4.48
C CYS A 395 2.13 12.91 3.77
N VAL A 396 2.09 12.88 2.44
CA VAL A 396 1.74 14.09 1.69
C VAL A 396 0.29 14.45 1.93
N ALA A 397 -0.57 13.46 2.18
CA ALA A 397 -1.96 13.75 2.50
C ALA A 397 -2.08 14.33 3.91
N ALA A 398 -1.35 13.76 4.87
CA ALA A 398 -1.35 14.28 6.23
C ALA A 398 -0.81 15.69 6.31
N VAL A 399 0.13 16.07 5.45
CA VAL A 399 0.56 17.46 5.35
C VAL A 399 -0.42 18.31 4.54
N PHE A 400 -1.08 17.74 3.53
CA PHE A 400 -2.11 18.46 2.80
C PHE A 400 -3.25 18.85 3.73
N ILE A 401 -3.78 17.88 4.48
CA ILE A 401 -4.59 18.21 5.63
C ILE A 401 -3.68 18.86 6.67
N ALA A 402 -4.27 19.71 7.52
CA ALA A 402 -3.54 20.67 8.34
C ALA A 402 -3.15 21.91 7.54
N GLN A 403 -3.41 21.91 6.25
CA GLN A 403 -3.37 23.10 5.42
C GLN A 403 -4.73 23.45 4.85
N LEU A 404 -5.55 22.44 4.55
CA LEU A 404 -6.97 22.70 4.32
C LEU A 404 -7.63 23.26 5.56
N SER A 405 -7.27 22.74 6.74
CA SER A 405 -7.61 23.33 8.02
C SER A 405 -6.34 23.94 8.61
N GLN A 406 -6.45 25.16 9.12
CA GLN A 406 -5.27 25.96 9.45
C GLN A 406 -4.55 25.48 10.71
N GLN A 407 -4.05 24.25 10.70
CA GLN A 407 -3.16 23.78 11.76
C GLN A 407 -1.70 24.07 11.38
N SER A 408 -0.80 23.81 12.33
CA SER A 408 0.62 24.03 12.11
C SER A 408 1.39 22.77 12.49
N LEU A 409 2.52 22.58 11.81
CA LEU A 409 3.37 21.42 12.03
C LEU A 409 4.70 21.88 12.60
N ASP A 410 5.11 21.28 13.71
CA ASP A 410 6.41 21.53 14.32
C ASP A 410 7.27 20.26 14.17
N PHE A 411 8.47 20.33 14.75
CA PHE A 411 9.39 19.19 14.63
C PHE A 411 8.79 17.93 15.25
N VAL A 412 8.20 18.07 16.44
CA VAL A 412 7.60 16.91 17.09
C VAL A 412 6.46 16.35 16.24
N LYS A 413 5.60 17.24 15.74
CA LYS A 413 4.48 16.78 14.91
C LYS A 413 4.98 16.14 13.63
N ILE A 414 6.03 16.70 13.03
CA ILE A 414 6.57 16.13 11.79
C ILE A 414 7.13 14.73 12.05
N ILE A 415 7.85 14.57 13.16
CA ILE A 415 8.40 13.25 13.48
C ILE A 415 7.27 12.26 13.76
N THR A 416 6.22 12.70 14.45
CA THR A 416 5.07 11.83 14.66
C THR A 416 4.45 11.42 13.33
N ILE A 417 4.36 12.37 12.40
CA ILE A 417 3.80 12.07 11.08
C ILE A 417 4.64 11.03 10.38
N LEU A 418 5.97 11.17 10.44
CA LEU A 418 6.86 10.22 9.79
C LEU A 418 6.68 8.81 10.39
N VAL A 419 6.69 8.73 11.72
CA VAL A 419 6.61 7.42 12.37
C VAL A 419 5.26 6.77 12.08
N THR A 420 4.17 7.54 12.19
CA THR A 420 2.85 7.00 11.91
C THR A 420 2.72 6.61 10.44
N ALA A 421 3.35 7.34 9.53
CA ALA A 421 3.32 6.97 8.13
C ALA A 421 4.04 5.65 7.90
N THR A 422 5.19 5.46 8.54
CA THR A 422 5.88 4.19 8.44
C THR A 422 4.99 3.05 8.91
N ALA A 423 4.41 3.21 10.11
CA ALA A 423 3.57 2.15 10.66
C ALA A 423 2.34 1.89 9.79
N SER A 424 1.71 2.95 9.28
CA SER A 424 0.54 2.79 8.44
C SER A 424 0.88 2.11 7.13
N SER A 425 2.01 2.48 6.52
CA SER A 425 2.44 1.82 5.30
C SER A 425 2.68 0.33 5.54
N VAL A 426 3.28 -0.02 6.68
CA VAL A 426 3.41 -1.43 7.01
C VAL A 426 2.03 -2.07 7.15
N GLY A 427 1.06 -1.34 7.69
CA GLY A 427 -0.27 -1.85 7.93
C GLY A 427 -1.26 -1.71 6.80
N ALA A 428 -0.80 -1.32 5.61
CA ALA A 428 -1.70 -1.13 4.47
C ALA A 428 -1.85 -2.44 3.71
N ALA A 429 -3.00 -2.64 3.07
CA ALA A 429 -3.20 -3.79 2.21
C ALA A 429 -2.69 -3.51 0.81
N GLY A 430 -2.02 -4.48 0.22
CA GLY A 430 -1.48 -4.32 -1.12
C GLY A 430 -2.52 -4.37 -2.21
N ILE A 431 -3.50 -3.48 -2.14
CA ILE A 431 -4.64 -3.45 -3.07
C ILE A 431 -5.11 -2.01 -3.23
N PRO A 432 -6.07 -1.73 -4.12
CA PRO A 432 -6.42 -0.32 -4.38
C PRO A 432 -6.85 0.45 -3.14
N ALA A 433 -7.47 -0.20 -2.15
CA ALA A 433 -8.05 0.54 -1.04
C ALA A 433 -7.09 0.68 0.14
N GLY A 434 -5.84 0.25 0.00
CA GLY A 434 -4.95 0.20 1.15
C GLY A 434 -4.70 1.54 1.81
N GLY A 435 -4.51 2.59 1.01
CA GLY A 435 -3.99 3.84 1.56
C GLY A 435 -4.94 4.52 2.52
N VAL A 436 -6.16 4.81 2.06
CA VAL A 436 -7.08 5.62 2.86
C VAL A 436 -7.50 4.88 4.13
N LEU A 437 -7.57 3.55 4.09
CA LEU A 437 -7.99 2.81 5.27
C LEU A 437 -7.09 3.09 6.46
N THR A 438 -5.79 3.28 6.22
CA THR A 438 -4.82 3.49 7.29
C THR A 438 -4.34 4.94 7.39
N LEU A 439 -4.71 5.80 6.44
CA LEU A 439 -4.41 7.22 6.60
C LEU A 439 -5.06 7.79 7.85
N ALA A 440 -6.17 7.16 8.29
CA ALA A 440 -6.82 7.60 9.52
C ALA A 440 -5.88 7.51 10.71
N ILE A 441 -4.92 6.58 10.69
CA ILE A 441 -3.95 6.49 11.77
C ILE A 441 -3.18 7.80 11.90
N ILE A 442 -2.64 8.30 10.79
CA ILE A 442 -1.90 9.55 10.82
C ILE A 442 -2.82 10.70 11.22
N LEU A 443 -4.02 10.74 10.63
CA LEU A 443 -4.92 11.86 10.89
C LEU A 443 -5.28 11.93 12.36
N GLU A 444 -5.56 10.78 12.98
CA GLU A 444 -5.85 10.76 14.41
C GLU A 444 -4.63 11.12 15.23
N ALA A 445 -3.46 10.61 14.85
CA ALA A 445 -2.24 10.92 15.61
C ALA A 445 -1.86 12.39 15.52
N VAL A 446 -2.34 13.11 14.52
CA VAL A 446 -2.05 14.54 14.38
C VAL A 446 -3.30 15.34 14.69
N ASN A 447 -4.35 14.67 15.18
CA ASN A 447 -5.60 15.31 15.56
C ASN A 447 -6.25 16.05 14.39
N LEU A 448 -5.98 15.64 13.17
CA LEU A 448 -6.51 16.34 12.01
C LEU A 448 -7.93 15.86 11.70
N PRO A 449 -8.74 16.71 11.03
CA PRO A 449 -10.09 16.29 10.66
C PRO A 449 -10.09 15.04 9.79
N VAL A 450 -10.68 13.95 10.30
CA VAL A 450 -10.72 12.71 9.54
C VAL A 450 -11.65 12.83 8.34
N ASP A 451 -12.76 13.56 8.45
CA ASP A 451 -13.73 13.64 7.38
C ASP A 451 -13.12 14.16 6.08
N HIS A 452 -12.03 14.92 6.17
CA HIS A 452 -11.39 15.44 4.96
C HIS A 452 -10.93 14.34 4.02
N ILE A 453 -10.76 13.10 4.51
CA ILE A 453 -10.44 12.00 3.63
C ILE A 453 -11.44 11.90 2.48
N SER A 454 -12.67 12.36 2.69
CA SER A 454 -13.67 12.33 1.62
C SER A 454 -13.15 13.01 0.36
N LEU A 455 -12.41 14.11 0.52
CA LEU A 455 -11.81 14.76 -0.65
C LEU A 455 -10.76 13.86 -1.28
N ILE A 456 -9.85 13.30 -0.48
CA ILE A 456 -8.79 12.47 -1.02
C ILE A 456 -9.39 11.27 -1.76
N LEU A 457 -10.46 10.70 -1.21
CA LEU A 457 -11.11 9.57 -1.87
C LEU A 457 -11.52 9.91 -3.29
N ALA A 458 -11.92 11.16 -3.54
CA ALA A 458 -12.34 11.56 -4.88
C ALA A 458 -11.19 11.45 -5.89
N VAL A 459 -9.95 11.45 -5.41
CA VAL A 459 -8.77 11.39 -6.28
C VAL A 459 -7.92 10.16 -6.01
N ASP A 460 -8.21 9.38 -4.96
CA ASP A 460 -7.33 8.28 -4.59
C ASP A 460 -7.12 7.32 -5.76
N TRP A 461 -8.10 7.18 -6.64
CA TRP A 461 -7.97 6.26 -7.76
C TRP A 461 -6.76 6.57 -8.62
N LEU A 462 -6.30 7.83 -8.64
CA LEU A 462 -5.16 8.23 -9.45
C LEU A 462 -3.84 8.11 -8.69
N VAL A 463 -3.80 8.61 -7.46
CA VAL A 463 -2.56 8.60 -6.68
C VAL A 463 -2.18 7.17 -6.30
N ASP A 464 -3.18 6.33 -6.03
CA ASP A 464 -2.91 4.98 -5.54
C ASP A 464 -2.12 4.17 -6.56
N ARG A 465 -2.27 4.45 -7.85
CA ARG A 465 -1.56 3.67 -8.84
C ARG A 465 -0.07 3.98 -8.83
N SER A 466 0.28 5.26 -8.73
CA SER A 466 1.69 5.61 -8.54
C SER A 466 2.21 5.06 -7.22
N CYS A 467 1.37 5.07 -6.19
CA CYS A 467 1.77 4.48 -4.91
C CYS A 467 2.15 3.02 -5.09
N THR A 468 1.30 2.26 -5.77
CA THR A 468 1.57 0.83 -5.98
C THR A 468 2.82 0.62 -6.83
N VAL A 469 3.00 1.46 -7.85
CA VAL A 469 4.19 1.35 -8.69
C VAL A 469 5.45 1.52 -7.83
N LEU A 470 5.48 2.57 -7.00
CA LEU A 470 6.65 2.78 -6.15
C LEU A 470 6.79 1.67 -5.13
N ASN A 471 5.68 1.14 -4.62
CA ASN A 471 5.75 0.09 -3.61
C ASN A 471 6.41 -1.17 -4.18
N VAL A 472 6.02 -1.56 -5.40
CA VAL A 472 6.64 -2.72 -6.01
C VAL A 472 8.08 -2.42 -6.42
N GLU A 473 8.36 -1.19 -6.87
CA GLU A 473 9.72 -0.85 -7.26
C GLU A 473 10.67 -0.95 -6.08
N GLY A 474 10.23 -0.49 -4.91
CA GLY A 474 11.06 -0.63 -3.71
C GLY A 474 11.39 -2.07 -3.42
N ASP A 475 10.40 -2.96 -3.53
CA ASP A 475 10.65 -4.39 -3.33
C ASP A 475 11.69 -4.91 -4.31
N ALA A 476 11.54 -4.56 -5.59
CA ALA A 476 12.45 -5.08 -6.60
C ALA A 476 13.87 -4.60 -6.35
N LEU A 477 14.04 -3.30 -6.09
CA LEU A 477 15.37 -2.77 -5.88
C LEU A 477 15.98 -3.30 -4.59
N GLY A 478 15.16 -3.53 -3.57
CA GLY A 478 15.67 -4.19 -2.37
C GLY A 478 16.13 -5.60 -2.63
N ALA A 479 15.38 -6.34 -3.46
CA ALA A 479 15.82 -7.68 -3.84
C ALA A 479 17.16 -7.64 -4.53
N GLY A 480 17.32 -6.72 -5.49
CA GLY A 480 18.60 -6.60 -6.17
C GLY A 480 19.73 -6.22 -5.23
N LEU A 481 19.49 -5.25 -4.35
CA LEU A 481 20.51 -4.81 -3.42
C LEU A 481 20.92 -5.95 -2.49
N LEU A 482 19.95 -6.72 -1.99
CA LEU A 482 20.27 -7.84 -1.13
C LEU A 482 21.01 -8.93 -1.90
N GLN A 483 20.64 -9.16 -3.17
CA GLN A 483 21.36 -10.15 -3.97
C GLN A 483 22.82 -9.76 -4.11
N ASN A 484 23.09 -8.48 -4.38
CA ASN A 484 24.47 -8.02 -4.42
C ASN A 484 25.15 -8.11 -3.06
N TYR A 485 24.43 -7.80 -1.98
CA TYR A 485 24.99 -7.91 -0.64
C TYR A 485 25.40 -9.35 -0.32
N VAL A 486 24.67 -10.32 -0.84
CA VAL A 486 25.00 -11.73 -0.59
C VAL A 486 26.17 -12.20 -1.46
N ASP A 487 26.41 -11.53 -2.59
CA ASP A 487 27.51 -11.90 -3.48
C ASP A 487 28.84 -11.78 -2.76
N GLN B . -2.49 -0.03 -3.55
CA GLN B . -1.18 0.05 -2.84
C GLN B . -0.33 -1.17 -3.14
O GLN B . 0.85 -1.24 -2.80
CB GLN B . -1.39 0.18 -1.32
CG GLN B . -2.20 1.40 -0.92
CD GLN B . -1.58 2.70 -1.39
OE1 GLN B . -0.34 2.82 -1.46
NE2 GLN B . -2.41 3.68 -1.72
OXT GLN B . -0.82 -2.15 -3.73
#